data_1P9X
#
_entry.id   1P9X
#
_cell.length_a   170.000
_cell.length_b   414.500
_cell.length_c   693.000
_cell.angle_alpha   90.00
_cell.angle_beta   90.00
_cell.angle_gamma   90.00
#
_symmetry.space_group_name_H-M   'I 2 2 2'
#
loop_
_entity.id
_entity.type
_entity.pdbx_description
1 polymer '23S RIBOSOMAL RNA'
2 non-polymer TELITHROMYCIN
#
_entity_poly.entity_id   1
_entity_poly.type   'polyribonucleotide'
_entity_poly.pdbx_seq_one_letter_code
;GGUCAAGAUAGUAAGGGUCCACGGUGGAUGCCCUGGCGCUGGAGCCGAUGAAGGACGCGAUUACCUGCGAAAAGCCCCGA
CGAGCUGGAGAUACGCUUUGACUCGGGGAUGUCCGAAUGGGGAAACCCACCUCGUAAGAGGUAUCCGCAAGGAUGGGAAC
UCAGGGAACUGAAACAUCUCAGUACCUGAAGGAGAAGAAAGAGAAUUCGAUUCCGUUAGUAGCGGCGAGCGAACCCGGAU
CAGCCCAAACCGAAACGCUUGCGUUUCGGGGUUGUAGGACCAGUUUUUAAGAUUCAACCCCUCAAGCCGAAGUGGCUGGA
AAGCUACACCUCAGAAGGUGAGAGUCCUGUAGGCGAACGAGCGGUUGACUGUACUGGCACCUGAGUAGGUCGUUGUUCGU
GAAACGAUGACUGAAUCCGCGCGGACCACCGCGCAAGGCUAAAUACUCCCAGUGACCGAUAGCGCAUAGUACCGUGAGGG
AAAGGUGAAAAGAACCCCGGGAGGGGAGUGAAAGAGAACCUGAAACCGUGGACUUACAAGCAGUCAUGGCACCUUAUGCG
UGUUAUGGCGUGCCUAUUGAAGCAUGAGCCGGCGACUUAGACCUGACGUGCGAGCUUAAGUUGAAAAACGGAGGCGGAGC
GAAAGCGAGUCCGAAUAGGGCGGCAUUAGUACGUCGGGCUAGACUCGAAACCAGGUGAGCUAAGCAUGACCAGGUUGAAA
CCCCCGUGACAGGGGGCGGAGGACCGAACCGGUGCCUGCUGAAACAGUCUCGGAUGAGUUGUGUUUAGGAGUGAAAAGCU
AACCGAACCUGGAGAUAGCUAGUUCUCCCCGAAAUGUAUUGAGGUACAGCCUCGGAUGUUGACCAUGUCCUGUAGAGCAC
UCACAAGGCUAGGGGGCCUACCAGCUUACCAAACCUUAUGAAACUCCGAAGGGGCACGCGUUUAGUCCGGGAGUGAGGCU
GCGAGAGCUAACUUCCGUAGCCGAGAGGGAAACAACCCAGACCAUCAGCUAAGGUCCCUAAAUGAUCGCUCAGUGGUUAA
GGAUGUGUCGUCGCAUAGACAGCCAGGAGGUUGGCUUAGAAGCAGCCACCCUUCAAAGAGUGCGUAAUAGCUCACUGGUC
GAGUGACGAUGCGCCGAAAAUGAUCGGGGCUCAAGUGAUCUACCGAAGCUAUGGAUUCAACUCGCGAAGCGAGUUGUCUG
GUAGGGGAGCGUUCAGUCCGCGGAGAAGCCAUACCGGAAGGAGUGGUGGAGCCGACUGAAGUGCGGAUGCCGGCAUGAGU
AACGAUAAAAGAAGUGAGAAUCUUCUUCGCCGUAAGGACAAGGGUUCCUGGGGAAGGGUCGUCCGCCCAGGGAAAGUCGG
GACCUAAGGUGAGGCCGAACGGCGCAGCCGAUGGACAGCAGGUCAAGAUUCCUGCACCGAUCAUGUGGAGUGAUGGAGGG
ACGCAUUACGCUAUCCAAUGCCAAGCUAUGGCUAUGCUGGUUGGUACGCUCAAGGGCGAUCGGGUCAGAAAAUCUACCGG
UCACAUGCCUCAGACGUAUCGGGAGCUUCCUCGGAAGCGAAGUUGGAAACGCGACGGUGCCAAGAAAAGCUUCUAAACGU
UGAAACAUGAUUGCCCGUACCGCAAACCGACACAGGUGUCCGAGUGUCAAUGCACUAAGGCGCGCGAGAGAACCCUCGUU
AAGGAACUUUGCAAUCUCACCCCGUAACUUCGGAAGAAGGGGUCCCCACGCUUCGCGUGGGGCGCAGUGAAUAGGCCCAG
GCGACUGUUUACCAAAAUCACAGCACUCUGCCAACACGAACAGUGGACGUAUAGGGUGUGACGCCUGCCCGGUGCCGGAA
GGUCAAGUGGAGCGGUGCAAGCUGCGAAAUGAAGCCCCGGUGAACGGCGGCCGUAACUAUAACGGUCCUAAGGUAGCGAA
AUUCCUUGUCGGGUAAGUUCCGACCUGCACGAAAGGCGUAACGAUCUGGGCGCUGUCUCAACGAGGGACUCGGUGAAAUU
GAAUUGGCUGUAAAGAUGCGGCCUACCCGUAGCAGGACGAAAAGACCCCGUGGAGCUUUACUAUAGUCUGGCAUUGGGAU
UCGGGUUUCUCUGCGUAGGAUAGGUGGGAGCCUGCGAAACUGGCCUUUUGGGGUCGGUGGAGGCAACGGUGAAAUACCAC
CCUGAGAAACUUGGAUUUCUAACCUGAAAAAUCACUUUCGGGGACCGUGCUUGGCGGGUAGUUUGACUGGGGCGGUCGCC
UCCCAAAAUGUAACGGAGGCGCCCAAAGGUCACCUCAAGACGGUUGGAAAUCGUCUGUAGAGCGCAAAGGUAGAAGGUGG
CUUGACUGCGAGACUGACACGUCGAGCAGGGAGGAAACUCGGGCUUAGUGAACCGGUGGUACCGUGUGGAAGGGCCAUCG
AUCAACGGAUAAAAGUUACCCCGGGGAUAACAGGCUGAUCUCCCCCGAGAGUCCAUAUCGGCGGGGAGGUUUGGCACCUC
GAUGUCGGCUCGUCGCAUCCUGGGGCUGAAGAAGGUCCCAAGGGUUGGGCUGUUCGCCCAUUAAAGCGGCACGCGAGCUG
GGUUCAGAACGUCGUGAGACAGUUCGGUCUCUAUCCGCUACGGGCGCAGGAGAAUUGAGGGGAGUUGCUCCUAGUACGAG
AGGACCGGAGUGAACGGACCGCUGGUCUCCCUGCUGUCGUACCAACGGCACAUGCAGGGUAGCUAUGUCCGGAACGGAUA
ACCGCUGAAAGCAUCUAAGCGGGAAGCCAGCCCCAAGAUGAGUUCUCCCACUGUUUAUCAGGUAAGACUCCCGGAAGACC
ACCGGGUUAAGAGGCCAGGCGUGCACGCAUAGCAAUGUGUUCAGCGGACUGGUGCUCAUCAGUCGAGGUCUUGACCACUC
;
_entity_poly.pdbx_strand_id   0
#